data_3V6B
#
_entry.id   3V6B
#
_cell.length_a   79.879
_cell.length_b   79.879
_cell.length_c   340.044
_cell.angle_alpha   90.00
_cell.angle_beta   90.00
_cell.angle_gamma   120.00
#
_symmetry.space_group_name_H-M   'P 65 2 2'
#
loop_
_entity.id
_entity.type
_entity.pdbx_description
1 polymer VEGF-E
2 polymer 'Vascular endothelial growth factor receptor 2'
#
loop_
_entity_poly.entity_id
_entity_poly.type
_entity_poly.pdbx_seq_one_letter_code
_entity_poly.pdbx_strand_id
1 'polypeptide(L)'
;ELSTSLYKKAGFHHHHHHENLYFQDSNTKGWSEVLKGSECKPRPIVVPVSETHPELTSQRFNPPCVTLMRCGGCCNDESL
ECVPTEEVNVTMELLGASGSGSNGMQRLSFVEHKKCDCRPRFTTTPPTTTRPPRRRR
;
A
2 'polypeptide(L)'
;HQHGVVYITENKNKTVVIPCLGSISNLNVSLCARYPEKRFVPDGNRISWDSKKGFTIPSYMISYAGMVFCEAKINDESYQ
SIMYIVVVVGYRIYDVVLSPSHGIELSVGEKLVLNCTARTELNVGIDFNWEYPSSKHQHKKLVNRDLKTQSGSEMKKFLS
TLTIDGVTRSDQGLYTCAASSGLMTKKNSTFVRVHEKPFVAFGSGMESLVEATVGERVRIPAKYLGYPPPEIKWYKNGIP
LESNHTIKAGHVLTIMEVSERDTGNYTVILTNPISKEKQSHVVSLVVYVPPQIGEKSLISPVDSYQYGTTQTLTCTVYAI
PPPHHIHWYWQLEEECANEPSQAVSVTNPYPCEEWRSVEDFQGGNKIEVNKNQFALIEGKNKTVSTLVIQAANVSALYKC
EAVNKVGRGERVISFHRTHHHHHH
;
R
#
# COMPACT_ATOMS: atom_id res chain seq x y z
N THR A 28 -32.60 -0.76 23.72
CA THR A 28 -32.41 0.69 23.76
C THR A 28 -31.39 1.11 24.80
N LYS A 29 -30.24 1.63 24.33
CA LYS A 29 -29.19 2.08 25.23
C LYS A 29 -29.61 3.36 25.97
N GLY A 30 -29.49 3.34 27.29
CA GLY A 30 -29.82 4.49 28.12
C GLY A 30 -28.93 5.68 27.82
N TRP A 31 -29.22 6.81 28.46
CA TRP A 31 -28.44 8.04 28.27
C TRP A 31 -27.11 7.99 29.02
N SER A 32 -27.12 7.44 30.23
CA SER A 32 -25.89 7.33 31.00
C SER A 32 -24.92 6.43 30.23
N GLU A 33 -25.46 5.43 29.55
CA GLU A 33 -24.66 4.58 28.67
C GLU A 33 -24.09 5.43 27.55
N VAL A 34 -24.98 5.91 26.69
CA VAL A 34 -24.60 6.76 25.57
C VAL A 34 -23.54 7.80 25.95
N LEU A 35 -23.88 8.64 26.94
CA LEU A 35 -22.98 9.68 27.42
C LEU A 35 -21.57 9.16 27.70
N LYS A 36 -21.49 8.02 28.38
CA LYS A 36 -20.20 7.43 28.72
C LYS A 36 -19.50 7.02 27.44
N GLY A 37 -20.25 6.34 26.58
CA GLY A 37 -19.70 5.82 25.34
C GLY A 37 -19.19 6.88 24.39
N SER A 38 -19.57 8.13 24.62
CA SER A 38 -19.22 9.19 23.69
C SER A 38 -18.03 10.01 24.15
N GLU A 39 -17.59 9.80 25.38
CA GLU A 39 -16.60 10.68 25.99
C GLU A 39 -15.34 10.82 25.16
N CYS A 40 -14.82 12.04 25.08
CA CYS A 40 -13.55 12.26 24.40
C CYS A 40 -12.43 11.44 25.05
N LYS A 41 -12.09 10.33 24.42
CA LYS A 41 -11.01 9.47 24.91
C LYS A 41 -10.29 8.82 23.74
N PRO A 42 -9.14 8.18 24.03
CA PRO A 42 -8.43 7.40 23.03
C PRO A 42 -9.28 6.23 22.52
N ARG A 43 -9.73 6.35 21.28
CA ARG A 43 -10.43 5.28 20.61
C ARG A 43 -9.49 4.64 19.59
N PRO A 44 -9.68 3.34 19.31
CA PRO A 44 -8.93 2.68 18.24
C PRO A 44 -9.50 3.04 16.89
N ILE A 45 -8.65 3.33 15.91
CA ILE A 45 -9.15 3.66 14.57
C ILE A 45 -8.29 3.07 13.45
N VAL A 46 -8.92 2.82 12.31
CA VAL A 46 -8.25 2.21 11.18
C VAL A 46 -7.65 3.25 10.24
N VAL A 47 -6.35 3.12 9.98
CA VAL A 47 -5.64 4.07 9.13
C VAL A 47 -4.90 3.37 8.01
N PRO A 48 -4.98 3.92 6.79
CA PRO A 48 -4.19 3.31 5.72
C PRO A 48 -2.74 3.63 6.01
N VAL A 49 -1.86 2.66 5.76
CA VAL A 49 -0.44 2.90 5.92
C VAL A 49 -0.02 3.97 4.91
N SER A 50 -0.68 3.94 3.76
CA SER A 50 -0.48 4.93 2.70
C SER A 50 -0.69 6.36 3.20
N GLU A 51 -1.59 6.54 4.16
CA GLU A 51 -1.85 7.87 4.68
C GLU A 51 -0.75 8.33 5.62
N THR A 52 -0.29 7.43 6.48
CA THR A 52 0.75 7.77 7.44
C THR A 52 2.14 7.76 6.83
N HIS A 53 2.39 6.87 5.87
CA HIS A 53 3.69 6.78 5.23
C HIS A 53 3.57 6.89 3.71
N PRO A 54 3.26 8.10 3.22
CA PRO A 54 2.95 8.38 1.81
C PRO A 54 4.17 8.47 0.93
N GLU A 55 5.35 8.54 1.54
CA GLU A 55 6.59 8.71 0.82
C GLU A 55 7.07 7.38 0.25
N LEU A 56 6.46 6.29 0.69
CA LEU A 56 6.84 4.96 0.25
C LEU A 56 5.92 4.48 -0.86
N THR A 57 6.03 5.09 -2.02
CA THR A 57 5.14 4.82 -3.14
C THR A 57 5.39 3.44 -3.74
N SER A 58 6.67 3.11 -3.87
CA SER A 58 7.11 1.87 -4.50
C SER A 58 6.63 0.63 -3.75
N GLN A 59 6.30 0.80 -2.48
CA GLN A 59 5.91 -0.32 -1.62
C GLN A 59 4.41 -0.53 -1.57
N ARG A 60 4.01 -1.76 -1.25
CA ARG A 60 2.62 -2.13 -1.18
C ARG A 60 2.49 -3.03 0.06
N PHE A 61 1.69 -2.62 1.04
CA PHE A 61 1.75 -3.24 2.37
C PHE A 61 0.64 -4.24 2.69
N ASN A 62 1.00 -5.24 3.49
CA ASN A 62 0.06 -6.26 3.95
C ASN A 62 0.11 -6.42 5.47
N PRO A 63 -0.90 -5.91 6.19
CA PRO A 63 -2.13 -5.25 5.72
C PRO A 63 -1.90 -3.81 5.31
N PRO A 64 -2.74 -3.28 4.42
CA PRO A 64 -2.61 -1.92 3.89
C PRO A 64 -3.09 -0.85 4.89
N CYS A 65 -3.67 -1.31 5.98
CA CYS A 65 -4.17 -0.42 7.02
C CYS A 65 -3.88 -1.01 8.39
N VAL A 66 -3.79 -0.14 9.39
CA VAL A 66 -3.48 -0.57 10.74
C VAL A 66 -4.38 0.15 11.73
N THR A 67 -4.53 -0.44 12.91
CA THR A 67 -5.34 0.17 13.96
C THR A 67 -4.49 0.94 14.98
N LEU A 68 -4.81 2.21 15.17
CA LEU A 68 -4.11 3.06 16.11
C LEU A 68 -5.07 3.75 17.07
N MET A 69 -4.66 3.87 18.33
CA MET A 69 -5.40 4.63 19.32
C MET A 69 -5.24 6.12 19.06
N ARG A 70 -6.36 6.79 18.83
CA ARG A 70 -6.35 8.22 18.59
C ARG A 70 -7.45 8.91 19.37
N CYS A 71 -7.23 10.17 19.73
CA CYS A 71 -8.26 10.94 20.41
C CYS A 71 -9.53 10.87 19.58
N GLY A 72 -10.66 10.84 20.26
CA GLY A 72 -11.94 10.73 19.58
C GLY A 72 -13.11 10.77 20.53
N GLY A 73 -14.27 11.07 19.98
CA GLY A 73 -15.44 11.35 20.81
C GLY A 73 -15.69 12.84 20.78
N CYS A 74 -16.61 13.31 21.61
CA CYS A 74 -17.02 14.70 21.51
C CYS A 74 -17.03 15.42 22.85
N CYS A 75 -17.20 16.74 22.77
CA CYS A 75 -17.30 17.58 23.94
C CYS A 75 -18.70 18.21 23.95
N ASN A 76 -19.26 18.43 25.12
CA ASN A 76 -20.57 19.06 25.21
C ASN A 76 -20.63 20.38 24.43
N ASP A 77 -19.62 21.23 24.64
CA ASP A 77 -19.57 22.52 23.96
C ASP A 77 -19.00 22.40 22.55
N GLU A 78 -19.76 22.82 21.55
CA GLU A 78 -19.26 22.74 20.19
C GLU A 78 -18.33 23.90 19.85
N SER A 79 -17.85 24.58 20.89
CA SER A 79 -16.77 25.53 20.72
C SER A 79 -15.51 24.82 21.15
N LEU A 80 -15.71 23.63 21.69
CA LEU A 80 -14.62 22.81 22.18
C LEU A 80 -14.27 21.73 21.20
N GLU A 81 -13.21 21.00 21.51
CA GLU A 81 -12.56 20.15 20.55
C GLU A 81 -11.80 19.07 21.30
N CYS A 82 -11.81 17.88 20.73
CA CYS A 82 -11.17 16.74 21.38
C CYS A 82 -9.76 16.56 20.86
N VAL A 83 -8.77 16.71 21.74
CA VAL A 83 -7.39 16.80 21.30
C VAL A 83 -6.42 16.04 22.21
N PRO A 84 -5.36 15.47 21.61
CA PRO A 84 -4.37 14.71 22.39
C PRO A 84 -3.60 15.62 23.33
N THR A 85 -3.27 15.11 24.49
CA THR A 85 -2.48 15.85 25.45
C THR A 85 -1.24 15.05 25.80
N GLU A 86 -1.11 13.89 25.15
CA GLU A 86 -0.03 12.97 25.45
C GLU A 86 0.03 11.89 24.39
N GLU A 87 0.91 12.10 23.41
CA GLU A 87 1.09 11.15 22.31
C GLU A 87 2.27 10.24 22.60
N VAL A 88 2.40 9.18 21.79
CA VAL A 88 3.58 8.33 21.82
C VAL A 88 3.82 7.76 20.42
N ASN A 89 4.97 7.13 20.25
CA ASN A 89 5.25 6.37 19.04
C ASN A 89 5.21 4.88 19.29
N VAL A 90 4.63 4.13 18.36
CA VAL A 90 4.60 2.68 18.46
C VAL A 90 5.18 2.08 17.19
N THR A 91 5.71 0.88 17.31
CA THR A 91 6.28 0.20 16.16
C THR A 91 5.49 -1.06 15.83
N MET A 92 5.20 -1.24 14.54
CA MET A 92 4.44 -2.39 14.09
C MET A 92 5.08 -3.08 12.89
N GLU A 93 4.92 -4.40 12.83
CA GLU A 93 5.48 -5.20 11.75
C GLU A 93 4.53 -5.26 10.54
N LEU A 94 5.04 -4.87 9.38
CA LEU A 94 4.24 -4.86 8.17
C LEU A 94 4.97 -5.50 7.01
N LEU A 95 4.26 -6.30 6.21
CA LEU A 95 4.88 -6.89 5.04
C LEU A 95 4.78 -5.95 3.85
N GLY A 96 5.91 -5.37 3.47
CA GLY A 96 5.99 -4.54 2.30
C GLY A 96 6.51 -5.31 1.09
N ALA A 97 5.64 -5.54 0.12
CA ALA A 97 6.03 -6.12 -1.15
C ALA A 97 6.32 -4.98 -2.11
N SER A 98 7.38 -5.12 -2.90
CA SER A 98 7.74 -4.07 -3.85
C SER A 98 7.42 -4.51 -5.26
N GLY A 99 6.65 -3.70 -5.96
CA GLY A 99 6.27 -3.98 -7.34
C GLY A 99 7.10 -5.08 -7.99
N SER A 100 6.50 -6.26 -8.05
CA SER A 100 7.05 -7.40 -8.78
C SER A 100 8.58 -7.55 -8.66
N GLY A 101 9.10 -7.28 -7.47
CA GLY A 101 10.53 -7.36 -7.22
C GLY A 101 10.85 -8.19 -5.99
N SER A 102 10.56 -7.66 -4.81
CA SER A 102 10.89 -8.33 -3.58
C SER A 102 9.81 -8.13 -2.52
N ASN A 103 9.96 -8.80 -1.40
CA ASN A 103 9.04 -8.65 -0.29
C ASN A 103 9.78 -8.85 1.01
N GLY A 104 9.56 -7.95 1.94
CA GLY A 104 10.31 -7.97 3.19
C GLY A 104 9.48 -7.39 4.30
N MET A 105 9.61 -7.99 5.47
CA MET A 105 8.92 -7.49 6.64
C MET A 105 9.51 -6.14 7.03
N GLN A 106 8.65 -5.17 7.26
CA GLN A 106 9.11 -3.82 7.54
C GLN A 106 8.55 -3.33 8.87
N ARG A 107 9.43 -2.87 9.76
CA ARG A 107 8.99 -2.30 11.02
C ARG A 107 8.71 -0.82 10.76
N LEU A 108 7.49 -0.38 11.08
CA LEU A 108 7.10 1.00 10.87
C LEU A 108 6.64 1.69 12.15
N SER A 109 6.94 2.98 12.25
CA SER A 109 6.59 3.75 13.43
C SER A 109 5.31 4.56 13.19
N PHE A 110 4.40 4.50 14.15
CA PHE A 110 3.14 5.24 14.09
C PHE A 110 2.94 6.05 15.36
N VAL A 111 2.13 7.09 15.26
CA VAL A 111 1.79 7.93 16.41
C VAL A 111 0.50 7.46 17.06
N GLU A 112 0.56 7.22 18.37
CA GLU A 112 -0.65 6.88 19.10
C GLU A 112 -0.93 7.92 20.18
N HIS A 113 -2.20 8.11 20.50
CA HIS A 113 -2.61 9.08 21.52
C HIS A 113 -2.84 8.39 22.85
N LYS A 114 -2.10 8.82 23.87
CA LYS A 114 -2.19 8.22 25.19
C LYS A 114 -3.20 8.94 26.09
N LYS A 115 -3.38 10.24 25.87
CA LYS A 115 -4.35 11.03 26.63
C LYS A 115 -5.02 12.09 25.74
N CYS A 116 -6.33 12.24 25.94
CA CYS A 116 -7.12 13.17 25.15
C CYS A 116 -7.74 14.22 26.06
N ASP A 117 -8.21 15.33 25.49
CA ASP A 117 -8.84 16.37 26.30
C ASP A 117 -9.65 17.39 25.50
N CYS A 118 -10.72 17.87 26.10
CA CYS A 118 -11.60 18.84 25.46
C CYS A 118 -11.01 20.25 25.57
N ARG A 119 -10.58 20.80 24.45
CA ARG A 119 -9.95 22.11 24.44
C ARG A 119 -10.65 23.02 23.45
N PRO A 120 -10.44 24.34 23.59
CA PRO A 120 -11.11 25.34 22.73
C PRO A 120 -10.62 25.24 21.29
N ARG A 121 -11.09 26.14 20.43
CA ARG A 121 -10.64 26.15 19.03
C ARG A 121 -9.95 27.45 18.66
N HIS B 1 8.20 -21.55 13.47
CA HIS B 1 8.82 -21.87 12.19
C HIS B 1 8.86 -20.63 11.30
N GLN B 2 8.66 -20.84 10.00
CA GLN B 2 8.75 -19.76 9.03
C GLN B 2 7.41 -19.44 8.36
N HIS B 3 7.48 -18.65 7.29
CA HIS B 3 6.31 -18.34 6.48
C HIS B 3 6.69 -18.38 5.01
N GLY B 4 5.70 -18.42 4.14
CA GLY B 4 5.92 -18.49 2.72
C GLY B 4 5.20 -17.35 2.03
N VAL B 5 5.19 -17.37 0.71
CA VAL B 5 4.51 -16.33 -0.04
C VAL B 5 3.73 -16.94 -1.19
N VAL B 6 2.59 -16.34 -1.50
CA VAL B 6 1.81 -16.74 -2.64
C VAL B 6 1.36 -15.47 -3.34
N TYR B 7 1.72 -15.34 -4.61
CA TYR B 7 1.45 -14.09 -5.32
C TYR B 7 0.16 -14.16 -6.10
N ILE B 8 -0.73 -13.22 -5.83
CA ILE B 8 -1.94 -13.07 -6.62
C ILE B 8 -1.63 -12.23 -7.85
N THR B 9 -2.00 -12.77 -9.00
CA THR B 9 -1.74 -12.13 -10.29
C THR B 9 -2.59 -10.87 -10.51
N GLU B 10 -2.20 -10.08 -11.50
CA GLU B 10 -2.97 -8.89 -11.88
C GLU B 10 -4.36 -9.33 -12.30
N ASN B 11 -4.46 -10.62 -12.63
CA ASN B 11 -5.68 -11.19 -13.19
C ASN B 11 -6.26 -12.23 -12.26
N LYS B 12 -7.27 -11.84 -11.48
CA LYS B 12 -7.98 -12.79 -10.64
C LYS B 12 -8.62 -13.84 -11.54
N ASN B 13 -9.37 -14.77 -10.96
CA ASN B 13 -9.93 -15.87 -11.74
C ASN B 13 -8.84 -16.84 -12.21
N LYS B 14 -7.66 -16.30 -12.51
CA LYS B 14 -6.50 -17.14 -12.79
C LYS B 14 -6.20 -17.93 -11.52
N THR B 15 -5.75 -19.15 -11.68
CA THR B 15 -5.54 -20.02 -10.54
C THR B 15 -4.15 -19.83 -9.94
N VAL B 16 -4.09 -19.84 -8.61
CA VAL B 16 -2.82 -19.79 -7.88
C VAL B 16 -2.61 -21.12 -7.15
N VAL B 17 -1.35 -21.48 -6.92
CA VAL B 17 -1.07 -22.72 -6.22
C VAL B 17 -0.23 -22.52 -4.98
N ILE B 18 -0.73 -23.00 -3.85
CA ILE B 18 0.00 -22.97 -2.60
C ILE B 18 0.77 -24.27 -2.46
N PRO B 19 2.10 -24.16 -2.32
CA PRO B 19 3.04 -25.30 -2.28
C PRO B 19 2.90 -26.18 -1.04
N CYS B 20 1.68 -26.43 -0.61
CA CYS B 20 1.44 -27.41 0.44
C CYS B 20 1.60 -28.78 -0.19
N LEU B 21 2.79 -29.35 -0.06
CA LEU B 21 3.13 -30.63 -0.67
C LEU B 21 2.86 -31.79 0.27
N GLY B 22 2.49 -32.94 -0.28
CA GLY B 22 2.15 -34.10 0.53
C GLY B 22 2.96 -35.34 0.22
N SER B 23 2.41 -36.49 0.62
CA SER B 23 3.04 -37.77 0.39
C SER B 23 1.96 -38.85 0.29
N ILE B 24 0.79 -38.57 0.84
CA ILE B 24 -0.35 -39.47 0.75
C ILE B 24 -1.27 -39.09 -0.39
N SER B 25 -1.25 -39.88 -1.45
CA SER B 25 -2.07 -39.61 -2.61
C SER B 25 -3.46 -39.11 -2.22
N ASN B 26 -4.12 -39.85 -1.33
CA ASN B 26 -5.53 -39.58 -1.02
C ASN B 26 -5.74 -38.62 0.15
N LEU B 27 -4.70 -37.89 0.52
CA LEU B 27 -4.79 -36.95 1.63
C LEU B 27 -5.91 -35.93 1.44
N ASN B 28 -6.87 -35.92 2.37
CA ASN B 28 -7.96 -34.96 2.34
C ASN B 28 -7.54 -33.63 2.97
N VAL B 29 -7.18 -32.68 2.10
CA VAL B 29 -6.61 -31.40 2.52
C VAL B 29 -7.57 -30.22 2.39
N SER B 30 -7.51 -29.31 3.36
CA SER B 30 -8.28 -28.08 3.31
C SER B 30 -7.34 -26.87 3.29
N LEU B 31 -7.91 -25.67 3.19
CA LEU B 31 -7.13 -24.46 3.17
C LEU B 31 -7.82 -23.37 3.99
N CYS B 32 -7.21 -22.96 5.09
CA CYS B 32 -7.77 -21.87 5.90
C CYS B 32 -7.17 -20.53 5.46
N ALA B 33 -7.97 -19.46 5.54
CA ALA B 33 -7.55 -18.12 5.14
C ALA B 33 -7.94 -17.07 6.19
N ARG B 34 -7.17 -15.98 6.26
CA ARG B 34 -7.38 -14.93 7.26
C ARG B 34 -6.77 -13.62 6.77
N TYR B 35 -7.36 -12.49 7.14
CA TYR B 35 -8.60 -12.44 7.90
C TYR B 35 -9.71 -11.80 7.08
N PRO B 36 -10.97 -12.12 7.38
CA PRO B 36 -11.37 -13.03 8.46
C PRO B 36 -11.22 -14.50 8.06
N GLU B 37 -11.39 -15.40 9.03
CA GLU B 37 -11.18 -16.82 8.79
C GLU B 37 -12.20 -17.45 7.85
N LYS B 38 -11.70 -18.19 6.88
CA LYS B 38 -12.53 -19.03 6.02
C LYS B 38 -11.76 -20.32 5.76
N ARG B 39 -12.47 -21.38 5.40
CA ARG B 39 -11.82 -22.64 5.09
C ARG B 39 -12.38 -23.16 3.77
N PHE B 40 -11.49 -23.61 2.89
CA PHE B 40 -11.92 -24.07 1.58
C PHE B 40 -11.69 -25.58 1.45
N VAL B 41 -12.28 -26.17 0.41
CA VAL B 41 -12.19 -27.60 0.18
C VAL B 41 -12.22 -27.88 -1.32
N PRO B 42 -11.50 -28.92 -1.77
CA PRO B 42 -11.57 -29.19 -3.21
C PRO B 42 -12.99 -29.50 -3.62
N ASP B 43 -13.32 -29.17 -4.86
CA ASP B 43 -14.63 -29.47 -5.42
C ASP B 43 -14.44 -30.21 -6.73
N GLY B 44 -13.21 -30.68 -6.96
CA GLY B 44 -12.89 -31.42 -8.16
C GLY B 44 -12.79 -30.52 -9.38
N ASN B 45 -13.73 -29.58 -9.48
CA ASN B 45 -13.77 -28.64 -10.60
C ASN B 45 -12.63 -27.62 -10.58
N ARG B 46 -12.77 -26.61 -9.72
CA ARG B 46 -11.83 -25.50 -9.67
C ARG B 46 -10.79 -25.64 -8.56
N ILE B 47 -11.20 -26.23 -7.44
CA ILE B 47 -10.36 -26.33 -6.26
C ILE B 47 -9.81 -27.74 -6.10
N SER B 48 -8.49 -27.85 -5.94
CA SER B 48 -7.85 -29.15 -5.84
C SER B 48 -6.61 -29.17 -4.94
N TRP B 49 -6.04 -30.35 -4.81
CA TRP B 49 -4.78 -30.53 -4.11
C TRP B 49 -4.02 -31.70 -4.73
N ASP B 50 -2.70 -31.60 -4.76
CA ASP B 50 -1.88 -32.62 -5.39
C ASP B 50 -0.66 -32.89 -4.54
N SER B 51 -0.38 -34.16 -4.31
CA SER B 51 0.75 -34.54 -3.46
C SER B 51 2.03 -33.81 -3.85
N LYS B 52 2.21 -33.55 -5.13
CA LYS B 52 3.46 -32.98 -5.62
C LYS B 52 3.35 -31.57 -6.19
N LYS B 53 2.13 -31.04 -6.23
CA LYS B 53 1.91 -29.66 -6.67
C LYS B 53 1.42 -28.78 -5.51
N GLY B 54 0.42 -29.26 -4.78
CA GLY B 54 -0.13 -28.53 -3.65
C GLY B 54 -1.49 -27.96 -3.94
N PHE B 55 -2.01 -27.18 -3.00
CA PHE B 55 -3.35 -26.62 -3.11
C PHE B 55 -3.48 -25.60 -4.25
N THR B 56 -4.39 -25.87 -5.17
CA THR B 56 -4.67 -24.98 -6.29
C THR B 56 -6.05 -24.37 -6.10
N ILE B 57 -6.15 -23.06 -6.26
CA ILE B 57 -7.40 -22.36 -6.04
C ILE B 57 -7.40 -21.03 -6.79
N PRO B 58 -8.57 -20.62 -7.31
CA PRO B 58 -8.71 -19.33 -8.01
C PRO B 58 -8.39 -18.14 -7.12
N SER B 59 -7.43 -17.33 -7.55
CA SER B 59 -6.93 -16.25 -6.70
C SER B 59 -8.02 -15.29 -6.25
N TYR B 60 -9.08 -15.18 -7.03
CA TYR B 60 -10.18 -14.30 -6.64
C TYR B 60 -10.89 -14.79 -5.36
N MET B 61 -10.67 -16.05 -5.00
CA MET B 61 -11.35 -16.63 -3.84
C MET B 61 -10.66 -16.27 -2.51
N ILE B 62 -9.37 -15.93 -2.58
CA ILE B 62 -8.59 -15.65 -1.37
C ILE B 62 -7.86 -14.31 -1.42
N SER B 63 -8.07 -13.56 -2.50
CA SER B 63 -7.43 -12.26 -2.70
C SER B 63 -7.48 -11.36 -1.46
N TYR B 64 -8.54 -11.50 -0.67
CA TYR B 64 -8.76 -10.63 0.49
C TYR B 64 -7.83 -10.95 1.65
N ALA B 65 -7.46 -12.23 1.78
CA ALA B 65 -6.78 -12.73 2.96
C ALA B 65 -5.29 -12.39 2.97
N GLY B 66 -4.82 -11.91 4.11
CA GLY B 66 -3.42 -11.57 4.27
C GLY B 66 -2.57 -12.82 4.29
N MET B 67 -3.17 -13.94 4.69
CA MET B 67 -2.47 -15.22 4.81
C MET B 67 -3.36 -16.43 4.55
N VAL B 68 -2.74 -17.54 4.13
CA VAL B 68 -3.45 -18.80 3.95
C VAL B 68 -2.55 -19.99 4.33
N PHE B 69 -3.14 -21.17 4.54
CA PHE B 69 -2.36 -22.36 4.85
C PHE B 69 -3.15 -23.66 4.70
N CYS B 70 -2.54 -24.63 4.03
CA CYS B 70 -3.11 -25.97 3.87
C CYS B 70 -3.33 -26.61 5.25
N GLU B 71 -4.24 -27.60 5.30
CA GLU B 71 -4.54 -28.29 6.54
C GLU B 71 -5.06 -29.68 6.27
N ALA B 72 -4.77 -30.62 7.16
CA ALA B 72 -5.20 -32.01 7.01
C ALA B 72 -5.27 -32.72 8.36
N LYS B 73 -6.30 -33.55 8.52
CA LYS B 73 -6.53 -34.27 9.78
C LYS B 73 -6.59 -35.78 9.56
N ILE B 74 -5.58 -36.49 10.04
CA ILE B 74 -5.55 -37.95 9.95
C ILE B 74 -5.39 -38.57 11.33
N ASN B 75 -6.11 -39.66 11.58
CA ASN B 75 -6.14 -40.26 12.90
C ASN B 75 -6.60 -39.27 13.95
N ASP B 76 -5.99 -39.31 15.13
CA ASP B 76 -6.38 -38.45 16.22
C ASP B 76 -5.76 -37.06 16.12
N GLU B 77 -4.91 -36.84 15.12
CA GLU B 77 -4.21 -35.57 15.01
C GLU B 77 -4.40 -34.83 13.69
N SER B 78 -4.56 -33.51 13.79
CA SER B 78 -4.57 -32.63 12.63
C SER B 78 -3.27 -31.86 12.58
N TYR B 79 -2.67 -31.76 11.39
CA TYR B 79 -1.54 -30.88 11.20
C TYR B 79 -1.83 -29.97 10.03
N GLN B 80 -1.17 -28.81 9.99
CA GLN B 80 -1.31 -27.92 8.86
C GLN B 80 0.00 -27.22 8.54
N SER B 81 0.10 -26.75 7.29
CA SER B 81 1.32 -26.16 6.75
C SER B 81 1.81 -24.93 7.49
N ILE B 82 2.89 -24.35 6.97
CA ILE B 82 3.38 -23.05 7.43
C ILE B 82 2.50 -21.96 6.85
N MET B 83 2.55 -20.78 7.44
CA MET B 83 1.74 -19.67 6.96
C MET B 83 2.27 -19.19 5.64
N TYR B 84 1.40 -19.17 4.64
CA TYR B 84 1.73 -18.59 3.36
C TYR B 84 1.10 -17.20 3.25
N ILE B 85 1.93 -16.19 3.09
CA ILE B 85 1.44 -14.83 3.03
C ILE B 85 1.01 -14.45 1.63
N VAL B 86 -0.22 -13.94 1.51
CA VAL B 86 -0.75 -13.54 0.22
C VAL B 86 -0.24 -12.16 -0.19
N VAL B 87 0.27 -12.08 -1.41
CA VAL B 87 0.76 -10.82 -1.93
C VAL B 87 0.02 -10.47 -3.21
N VAL B 88 -0.84 -9.47 -3.10
CA VAL B 88 -1.65 -9.03 -4.24
C VAL B 88 -0.96 -7.85 -4.90
N VAL B 89 -0.53 -8.04 -6.14
CA VAL B 89 0.30 -7.03 -6.79
C VAL B 89 -0.04 -6.81 -8.26
N GLY B 90 0.10 -5.56 -8.73
CA GLY B 90 -0.13 -5.20 -10.11
C GLY B 90 1.12 -4.56 -10.71
N TYR B 91 1.17 -4.46 -12.04
CA TYR B 91 2.38 -3.99 -12.71
C TYR B 91 2.15 -3.10 -13.94
N ARG B 92 0.90 -2.77 -14.24
CA ARG B 92 0.62 -2.01 -15.46
C ARG B 92 0.70 -0.50 -15.27
N ILE B 93 1.40 0.17 -16.19
CA ILE B 93 1.45 1.62 -16.22
C ILE B 93 0.76 2.14 -17.48
N TYR B 94 -0.37 2.82 -17.32
CA TYR B 94 -1.12 3.32 -18.46
C TYR B 94 -0.38 4.39 -19.24
N ASP B 95 0.03 5.46 -18.55
CA ASP B 95 0.67 6.59 -19.21
C ASP B 95 1.45 7.48 -18.24
N VAL B 96 2.55 8.03 -18.73
CA VAL B 96 3.36 8.98 -17.95
C VAL B 96 3.32 10.34 -18.62
N VAL B 97 2.96 11.37 -17.86
CA VAL B 97 2.83 12.72 -18.40
C VAL B 97 3.06 13.80 -17.34
N LEU B 98 3.62 14.92 -17.78
CA LEU B 98 3.97 16.02 -16.88
C LEU B 98 3.35 17.36 -17.30
N SER B 99 3.24 18.29 -16.35
CA SER B 99 2.69 19.62 -16.61
C SER B 99 3.69 20.70 -16.25
N PRO B 100 4.00 21.61 -17.19
CA PRO B 100 3.44 21.71 -18.54
C PRO B 100 3.94 20.59 -19.46
N SER B 101 3.10 20.21 -20.40
CA SER B 101 3.47 19.19 -21.38
C SER B 101 4.30 19.80 -22.51
N HIS B 102 3.83 20.93 -23.04
CA HIS B 102 4.42 21.56 -24.21
C HIS B 102 5.80 22.16 -23.94
N GLY B 103 6.20 23.13 -24.77
CA GLY B 103 7.47 23.81 -24.62
C GLY B 103 7.47 24.73 -23.43
N ILE B 104 8.66 25.10 -22.96
CA ILE B 104 8.78 25.94 -21.78
C ILE B 104 9.89 27.00 -21.93
N GLU B 105 9.50 28.26 -21.97
CA GLU B 105 10.46 29.35 -21.94
C GLU B 105 10.42 30.07 -20.60
N LEU B 106 11.57 30.20 -19.96
CA LEU B 106 11.69 30.92 -18.69
C LEU B 106 12.91 31.83 -18.67
N SER B 107 13.14 32.48 -17.54
CA SER B 107 14.30 33.35 -17.39
C SER B 107 14.96 33.17 -16.02
N VAL B 108 16.23 33.56 -15.91
CA VAL B 108 17.01 33.35 -14.71
C VAL B 108 16.33 33.91 -13.45
N GLY B 109 16.55 33.25 -12.32
CA GLY B 109 16.00 33.70 -11.05
C GLY B 109 14.64 33.13 -10.74
N GLU B 110 13.88 32.79 -11.79
CA GLU B 110 12.54 32.25 -11.61
C GLU B 110 12.57 30.89 -10.93
N LYS B 111 11.44 30.52 -10.31
CA LYS B 111 11.27 29.19 -9.75
C LYS B 111 10.62 28.28 -10.78
N LEU B 112 10.83 26.97 -10.63
CA LEU B 112 10.22 26.00 -11.52
C LEU B 112 9.68 24.80 -10.76
N VAL B 113 8.45 24.41 -11.08
CA VAL B 113 7.84 23.23 -10.49
C VAL B 113 7.25 22.33 -11.57
N LEU B 114 7.77 21.10 -11.64
CA LEU B 114 7.34 20.16 -12.65
C LEU B 114 6.61 18.99 -11.99
N ASN B 115 5.42 18.68 -12.48
CA ASN B 115 4.60 17.61 -11.90
C ASN B 115 4.54 16.37 -12.79
N CYS B 116 5.03 15.25 -12.26
CA CYS B 116 4.99 13.97 -12.98
C CYS B 116 3.90 13.09 -12.41
N THR B 117 3.11 12.49 -13.30
CA THR B 117 1.95 11.72 -12.89
C THR B 117 1.87 10.34 -13.51
N ALA B 118 1.70 9.34 -12.66
CA ALA B 118 1.60 7.95 -13.08
C ALA B 118 0.15 7.47 -13.04
N ARG B 119 -0.28 6.85 -14.13
CA ARG B 119 -1.62 6.28 -14.21
C ARG B 119 -1.48 4.78 -14.38
N THR B 120 -1.82 4.03 -13.34
CA THR B 120 -1.61 2.59 -13.32
C THR B 120 -2.86 1.83 -12.94
N GLU B 121 -2.84 0.50 -13.12
CA GLU B 121 -3.93 -0.33 -12.63
C GLU B 121 -3.98 -0.21 -11.10
N LEU B 122 -4.59 -1.17 -10.44
CA LEU B 122 -4.60 -1.18 -8.98
C LEU B 122 -3.48 -2.03 -8.41
N ASN B 123 -3.33 -2.02 -7.09
CA ASN B 123 -2.31 -2.82 -6.44
C ASN B 123 -0.92 -2.57 -7.02
N VAL B 124 -0.72 -1.39 -7.59
CA VAL B 124 0.55 -1.05 -8.21
C VAL B 124 1.41 -0.18 -7.29
N GLY B 125 2.70 -0.46 -7.26
CA GLY B 125 3.63 0.42 -6.58
C GLY B 125 4.47 1.09 -7.65
N ILE B 126 4.80 2.35 -7.45
CA ILE B 126 5.57 3.07 -8.45
C ILE B 126 6.86 3.65 -7.89
N ASP B 127 7.93 3.51 -8.66
CA ASP B 127 9.19 4.17 -8.33
C ASP B 127 9.47 5.26 -9.36
N PHE B 128 9.71 6.48 -8.88
CA PHE B 128 9.94 7.62 -9.75
C PHE B 128 11.41 7.90 -10.00
N ASN B 129 11.82 7.90 -11.27
CA ASN B 129 13.19 8.25 -11.62
C ASN B 129 13.30 9.32 -12.70
N TRP B 130 14.00 10.40 -12.37
CA TRP B 130 14.09 11.56 -13.25
C TRP B 130 15.41 11.63 -13.99
N GLU B 131 15.57 12.67 -14.79
CA GLU B 131 16.77 12.89 -15.57
C GLU B 131 16.81 14.34 -16.05
N TYR B 132 17.89 15.05 -15.76
CA TYR B 132 17.96 16.49 -16.02
C TYR B 132 19.33 17.09 -15.72
N PRO B 133 19.59 18.28 -16.30
CA PRO B 133 20.82 19.06 -16.09
C PRO B 133 21.18 19.23 -14.62
N HIS B 139 21.09 21.36 -6.92
CA HIS B 139 20.11 22.13 -6.17
C HIS B 139 18.69 21.92 -6.71
N LYS B 140 18.20 20.68 -6.61
CA LYS B 140 16.85 20.34 -7.07
C LYS B 140 16.14 19.39 -6.10
N LYS B 141 14.90 19.70 -5.74
CA LYS B 141 14.17 18.94 -4.72
C LYS B 141 13.03 18.06 -5.27
N LEU B 142 12.97 16.83 -4.79
CA LEU B 142 11.96 15.85 -5.23
C LEU B 142 11.03 15.44 -4.10
N VAL B 143 9.78 15.12 -4.45
CA VAL B 143 8.81 14.63 -3.46
C VAL B 143 7.74 13.72 -4.08
N ASN B 144 7.56 12.54 -3.48
CA ASN B 144 6.64 11.52 -4.00
C ASN B 144 5.43 11.29 -3.10
N ARG B 145 4.29 10.94 -3.70
CA ARG B 145 3.07 10.71 -2.95
C ARG B 145 2.10 9.73 -3.64
N SER B 153 -13.54 5.13 -9.67
CA SER B 153 -12.42 5.09 -10.62
C SER B 153 -11.58 3.83 -10.42
N GLU B 154 -11.54 2.98 -11.44
CA GLU B 154 -10.82 1.72 -11.36
C GLU B 154 -9.33 1.87 -11.72
N MET B 155 -8.75 3.01 -11.35
CA MET B 155 -7.34 3.27 -11.64
C MET B 155 -6.62 3.85 -10.43
N LYS B 156 -5.29 3.78 -10.46
CA LYS B 156 -4.45 4.29 -9.38
C LYS B 156 -3.61 5.44 -9.92
N LYS B 157 -3.43 6.48 -9.11
CA LYS B 157 -2.65 7.64 -9.52
C LYS B 157 -1.48 7.95 -8.58
N PHE B 158 -0.33 8.24 -9.16
CA PHE B 158 0.87 8.59 -8.39
C PHE B 158 1.45 9.88 -8.93
N LEU B 159 2.09 10.66 -8.08
CA LEU B 159 2.71 11.91 -8.53
C LEU B 159 3.99 12.29 -7.80
N SER B 160 4.95 12.79 -8.57
CA SER B 160 6.23 13.25 -8.07
C SER B 160 6.37 14.72 -8.44
N THR B 161 6.94 15.51 -7.55
CA THR B 161 7.13 16.92 -7.84
C THR B 161 8.57 17.39 -7.66
N LEU B 162 9.15 17.90 -8.76
CA LEU B 162 10.49 18.47 -8.75
C LEU B 162 10.42 19.99 -8.71
N THR B 163 11.19 20.59 -7.81
CA THR B 163 11.24 22.05 -7.72
C THR B 163 12.66 22.59 -7.71
N ILE B 164 12.90 23.58 -8.55
CA ILE B 164 14.12 24.36 -8.48
C ILE B 164 13.70 25.78 -8.13
N ASP B 165 14.29 26.33 -7.06
CA ASP B 165 13.81 27.59 -6.52
C ASP B 165 14.28 28.83 -7.26
N GLY B 166 15.57 28.90 -7.56
CA GLY B 166 16.11 30.05 -8.25
C GLY B 166 16.94 29.62 -9.44
N VAL B 167 16.26 29.20 -10.51
CA VAL B 167 16.94 28.61 -11.66
C VAL B 167 18.06 29.48 -12.19
N THR B 168 19.19 28.84 -12.51
CA THR B 168 20.26 29.49 -13.25
C THR B 168 20.04 29.19 -14.71
N ARG B 169 20.84 29.78 -15.59
CA ARG B 169 20.65 29.60 -17.02
C ARG B 169 21.15 28.24 -17.49
N SER B 170 21.81 27.52 -16.59
CA SER B 170 22.35 26.20 -16.89
C SER B 170 21.40 25.09 -16.47
N ASP B 171 20.16 25.47 -16.17
CA ASP B 171 19.10 24.51 -15.89
C ASP B 171 18.33 24.27 -17.18
N GLN B 172 18.75 24.95 -18.24
CA GLN B 172 18.17 24.73 -19.56
C GLN B 172 18.55 23.33 -20.04
N GLY B 173 17.56 22.61 -20.55
CA GLY B 173 17.81 21.28 -21.08
C GLY B 173 16.61 20.36 -20.99
N LEU B 174 16.83 19.11 -21.39
CA LEU B 174 15.76 18.13 -21.38
C LEU B 174 15.51 17.58 -19.97
N TYR B 175 14.24 17.41 -19.64
CA TYR B 175 13.83 16.85 -18.36
C TYR B 175 12.95 15.62 -18.56
N THR B 176 13.52 14.44 -18.34
CA THR B 176 12.80 13.21 -18.53
C THR B 176 12.33 12.62 -17.22
N CYS B 177 11.06 12.24 -17.17
CA CYS B 177 10.53 11.54 -16.01
C CYS B 177 10.19 10.10 -16.35
N ALA B 178 10.63 9.19 -15.48
CA ALA B 178 10.36 7.77 -15.67
C ALA B 178 9.64 7.16 -14.47
N ALA B 179 8.54 6.46 -14.74
CA ALA B 179 7.80 5.75 -13.71
C ALA B 179 7.93 4.25 -13.91
N SER B 180 8.16 3.52 -12.83
CA SER B 180 8.40 2.09 -12.93
C SER B 180 7.45 1.29 -12.05
N SER B 181 6.79 0.31 -12.65
CA SER B 181 5.87 -0.55 -11.91
C SER B 181 6.61 -1.73 -11.33
N GLY B 182 7.82 -1.96 -11.85
CA GLY B 182 8.68 -3.02 -11.34
C GLY B 182 9.06 -4.01 -12.41
N LEU B 183 8.31 -3.99 -13.51
CA LEU B 183 8.62 -4.82 -14.67
C LEU B 183 8.27 -4.08 -15.94
N MET B 184 7.54 -2.98 -15.77
CA MET B 184 7.21 -2.10 -16.88
C MET B 184 7.72 -0.72 -16.53
N THR B 185 8.17 0.03 -17.53
CA THR B 185 8.60 1.40 -17.30
C THR B 185 8.18 2.31 -18.44
N LYS B 186 7.93 3.57 -18.12
CA LYS B 186 7.47 4.52 -19.13
C LYS B 186 8.07 5.91 -18.89
N LYS B 187 8.55 6.53 -19.95
CA LYS B 187 9.12 7.87 -19.88
C LYS B 187 8.18 8.88 -20.50
N ASN B 188 8.48 10.15 -20.27
CA ASN B 188 7.79 11.25 -20.94
C ASN B 188 8.44 12.57 -20.56
N SER B 189 9.26 13.10 -21.46
CA SER B 189 10.09 14.26 -21.14
C SER B 189 9.64 15.56 -21.81
N THR B 190 10.26 16.66 -21.39
CA THR B 190 10.03 17.96 -22.01
C THR B 190 11.32 18.80 -21.97
N PHE B 191 11.47 19.69 -22.94
CA PHE B 191 12.65 20.54 -22.98
C PHE B 191 12.36 21.84 -22.26
N VAL B 192 13.36 22.34 -21.52
CA VAL B 192 13.19 23.57 -20.78
C VAL B 192 14.28 24.57 -21.13
N ARG B 193 13.96 25.51 -22.01
CA ARG B 193 14.87 26.58 -22.37
C ARG B 193 14.81 27.70 -21.33
N VAL B 194 15.96 28.33 -21.08
CA VAL B 194 16.04 29.46 -20.16
C VAL B 194 16.88 30.59 -20.74
N HIS B 195 16.42 31.83 -20.56
CA HIS B 195 17.14 33.02 -21.03
C HIS B 195 17.36 34.01 -19.89
N GLU B 196 18.03 35.12 -20.18
CA GLU B 196 18.24 36.14 -19.15
C GLU B 196 17.02 37.03 -18.99
N LYS B 197 16.91 37.67 -17.83
CA LYS B 197 15.81 38.60 -17.57
C LYS B 197 15.69 39.61 -18.70
N PRO B 198 14.50 39.66 -19.34
CA PRO B 198 14.12 40.50 -20.48
C PRO B 198 14.58 41.94 -20.36
N PHE B 199 14.70 42.62 -21.50
CA PHE B 199 15.07 44.03 -21.54
C PHE B 199 16.35 44.31 -20.78
#